data_7RLE
#
_entry.id   7RLE
#
_cell.length_a   59.890
_cell.length_b   99.422
_cell.length_c   109.179
_cell.angle_alpha   90.000
_cell.angle_beta   90.000
_cell.angle_gamma   90.000
#
_symmetry.space_group_name_H-M   'P 21 21 21'
#
loop_
_entity.id
_entity.type
_entity.pdbx_description
1 polymer 'Peroxisome proliferator-activated receptor gamma'
2 polymer 'CREB-binding protein'
3 non-polymer '(2~{S})-3-[4-[2-[methyl(pyridin-2-yl)amino]ethoxy]phenyl]-2-[[2-(phenylcarbonyl)phenyl]amino]propanoic acid'
4 water water
#
loop_
_entity_poly.entity_id
_entity_poly.type
_entity_poly.pdbx_seq_one_letter_code
_entity_poly.pdbx_strand_id
1 'polypeptide(L)'
;GQLNPESADLRALAKHLYDSYIKSFPLTKAKARAILTGKTTDKSPFVIYDMNSLMMGEDKIKFKHITPLQEQSKEVAIRI
FQGCQFRSVEAVQEITEYAKSIPGFVNLDLNDQVTLLKYGVHEIIYTMLASLMNKDGVLISEGQGFMTREFLKSLRKPFG
DFMEPKFEFAVKFNALELDDSDLAIFIAVIILSGDRPGLLNVKPIEDIQDNLLQALELQLKLNHPESSQLFAKLLQKMTD
LRQIVTEHVQLLQVIKKTETDMSLHPLLQEIYKDLY
;
A,C
2 'polypeptide(L)' GNLVPDAASKHKQLSELLRGGSGS B,D
#
loop_
_chem_comp.id
_chem_comp.type
_chem_comp.name
_chem_comp.formula
EDK non-polymer '(2~{S})-3-[4-[2-[methyl(pyridin-2-yl)amino]ethoxy]phenyl]-2-[[2-(phenylcarbonyl)phenyl]amino]propanoic acid' 'C30 H29 N3 O4'
#
# COMPACT_ATOMS: atom_id res chain seq x y z
N GLU A 6 -10.49 29.88 -6.23
CA GLU A 6 -9.82 28.74 -5.62
C GLU A 6 -9.54 27.63 -6.64
N SER A 7 -10.50 27.46 -7.57
CA SER A 7 -10.36 26.56 -8.69
C SER A 7 -9.29 27.00 -9.67
N ALA A 8 -9.10 28.31 -9.84
CA ALA A 8 -8.04 28.79 -10.71
C ALA A 8 -6.66 28.56 -10.11
N ASP A 9 -6.53 28.60 -8.78
CA ASP A 9 -5.21 28.36 -8.24
C ASP A 9 -4.86 26.88 -8.34
N LEU A 10 -5.85 26.01 -8.14
CA LEU A 10 -5.63 24.57 -8.30
C LEU A 10 -5.30 24.21 -9.74
N ARG A 11 -5.88 24.95 -10.69
CA ARG A 11 -5.60 24.68 -12.09
C ARG A 11 -4.26 25.27 -12.51
N ALA A 12 -3.84 26.38 -11.89
CA ALA A 12 -2.49 26.87 -12.14
C ALA A 12 -1.47 25.89 -11.60
N LEU A 13 -1.76 25.29 -10.43
CA LEU A 13 -0.85 24.28 -9.90
C LEU A 13 -0.75 23.09 -10.86
N ALA A 14 -1.89 22.68 -11.41
CA ALA A 14 -1.88 21.58 -12.37
C ALA A 14 -1.03 21.91 -13.59
N LYS A 15 -1.21 23.11 -14.14
CA LYS A 15 -0.41 23.54 -15.30
C LYS A 15 1.08 23.59 -14.98
N HIS A 16 1.43 24.10 -13.80
CA HIS A 16 2.82 24.14 -13.38
C HIS A 16 3.41 22.73 -13.30
N LEU A 17 2.62 21.79 -12.76
CA LEU A 17 3.12 20.44 -12.60
C LEU A 17 3.30 19.80 -13.96
N TYR A 18 2.32 19.98 -14.86
CA TYR A 18 2.39 19.41 -16.20
C TYR A 18 3.60 19.95 -16.96
N ASP A 19 3.87 21.25 -16.83
CA ASP A 19 5.05 21.80 -17.51
C ASP A 19 6.34 21.20 -16.95
N SER A 20 6.43 21.02 -15.64
CA SER A 20 7.65 20.44 -15.11
C SER A 20 7.79 18.97 -15.51
N TYR A 21 6.66 18.25 -15.55
CA TYR A 21 6.64 16.89 -16.09
C TYR A 21 7.19 16.86 -17.51
N ILE A 22 6.74 17.78 -18.35
CA ILE A 22 7.19 17.75 -19.74
C ILE A 22 8.68 18.07 -19.82
N LYS A 23 9.18 18.97 -18.95
CA LYS A 23 10.61 19.28 -19.02
C LYS A 23 11.48 18.17 -18.43
N SER A 24 10.91 17.29 -17.61
CA SER A 24 11.73 16.36 -16.84
C SER A 24 11.80 14.98 -17.48
N PHE A 25 10.76 14.60 -18.23
CA PHE A 25 10.63 13.25 -18.76
C PHE A 25 10.58 13.30 -20.29
N PRO A 26 11.67 12.95 -20.98
CA PRO A 26 11.70 13.08 -22.44
C PRO A 26 10.62 12.28 -23.16
N LEU A 27 10.33 11.07 -22.70
CA LEU A 27 9.34 10.19 -23.31
C LEU A 27 8.08 10.21 -22.44
N THR A 28 7.08 10.99 -22.88
CA THR A 28 5.82 11.11 -22.17
C THR A 28 4.89 9.96 -22.53
N LYS A 29 3.76 9.88 -21.83
CA LYS A 29 2.73 8.92 -22.21
C LYS A 29 2.14 9.23 -23.58
N ALA A 30 2.01 10.51 -23.93
CA ALA A 30 1.51 10.85 -25.26
C ALA A 30 2.38 10.22 -26.34
N LYS A 31 3.71 10.37 -26.23
CA LYS A 31 4.59 9.83 -27.25
C LYS A 31 4.65 8.31 -27.17
N ALA A 32 4.55 7.74 -25.97
CA ALA A 32 4.58 6.28 -25.88
C ALA A 32 3.32 5.69 -26.51
N ARG A 33 2.18 6.34 -26.31
CA ARG A 33 0.95 5.89 -26.94
C ARG A 33 1.11 6.01 -28.44
N ALA A 34 1.80 7.06 -28.89
CA ALA A 34 2.03 7.23 -30.32
C ALA A 34 2.91 6.10 -30.88
N ILE A 35 3.89 5.61 -30.12
CA ILE A 35 4.66 4.45 -30.60
C ILE A 35 3.79 3.21 -30.65
N LEU A 36 3.05 2.97 -29.56
CA LEU A 36 2.37 1.69 -29.46
C LEU A 36 1.20 1.53 -30.42
N THR A 37 0.68 2.61 -31.02
CA THR A 37 -0.41 2.46 -31.98
C THR A 37 0.04 2.96 -33.35
N GLY A 38 1.35 3.10 -33.55
CA GLY A 38 1.94 3.39 -34.85
C GLY A 38 1.53 4.73 -35.41
N LYS A 39 1.04 5.64 -34.58
CA LYS A 39 0.59 6.96 -35.01
C LYS A 39 1.70 8.02 -35.13
N THR A 40 2.92 7.79 -34.64
CA THR A 40 3.99 8.78 -34.75
C THR A 40 4.60 8.81 -36.16
N THR A 41 5.46 9.81 -36.40
CA THR A 41 6.35 9.77 -37.56
C THR A 41 7.77 9.32 -37.24
N ASP A 42 8.20 9.37 -35.97
CA ASP A 42 9.35 8.60 -35.49
C ASP A 42 9.30 7.19 -36.06
N LYS A 43 10.46 6.66 -36.44
CA LYS A 43 10.51 5.25 -36.80
C LYS A 43 10.08 4.27 -35.71
N SER A 44 9.61 3.11 -36.18
CA SER A 44 9.02 2.12 -35.30
C SER A 44 10.10 1.57 -34.37
N PRO A 45 9.74 1.12 -33.17
CA PRO A 45 10.73 0.42 -32.35
C PRO A 45 11.19 -0.88 -33.02
N PHE A 46 12.42 -1.28 -32.72
CA PHE A 46 12.88 -2.62 -33.07
C PHE A 46 12.23 -3.61 -32.13
N VAL A 47 11.75 -4.74 -32.62
CA VAL A 47 11.00 -5.63 -31.75
C VAL A 47 11.97 -6.72 -31.32
N ILE A 48 12.20 -6.80 -30.01
CA ILE A 48 13.01 -7.82 -29.38
C ILE A 48 12.05 -8.88 -28.82
N TYR A 49 12.11 -10.06 -29.43
CA TYR A 49 11.21 -11.15 -29.13
C TYR A 49 11.89 -12.49 -28.88
N ASP A 50 13.19 -12.58 -29.09
CA ASP A 50 13.94 -13.80 -28.83
C ASP A 50 15.40 -13.41 -28.61
N MET A 51 16.24 -14.43 -28.40
CA MET A 51 17.64 -14.19 -28.14
C MET A 51 18.30 -13.42 -29.28
N ASN A 52 18.01 -13.81 -30.52
CA ASN A 52 18.68 -13.28 -31.72
C ASN A 52 18.34 -11.81 -32.02
N SER A 53 17.09 -11.40 -31.79
CA SER A 53 16.73 -10.02 -32.07
C SER A 53 17.30 -9.01 -31.07
N LEU A 54 17.63 -9.41 -29.85
CA LEU A 54 18.35 -8.49 -28.97
C LEU A 54 19.69 -8.09 -29.60
N MET A 55 20.52 -9.07 -29.99
CA MET A 55 21.77 -8.79 -30.68
C MET A 55 21.53 -8.00 -31.97
N MET A 56 20.42 -8.27 -32.65
CA MET A 56 20.17 -7.57 -33.91
C MET A 56 19.84 -6.10 -33.69
N GLY A 57 19.16 -5.76 -32.60
CA GLY A 57 18.84 -4.36 -32.43
C GLY A 57 19.78 -3.63 -31.48
N GLU A 58 20.78 -4.33 -30.94
CA GLU A 58 21.59 -3.81 -29.84
C GLU A 58 22.32 -2.52 -30.21
N ASP A 59 22.79 -2.41 -31.45
CA ASP A 59 23.50 -1.22 -31.90
C ASP A 59 22.73 0.08 -31.77
N LYS A 60 21.41 0.07 -31.58
CA LYS A 60 20.74 1.35 -31.40
C LYS A 60 20.77 1.79 -29.94
N ILE A 61 21.03 0.85 -29.02
CA ILE A 61 21.21 1.09 -27.59
C ILE A 61 22.58 1.71 -27.30
N LYS A 62 22.59 2.88 -26.67
CA LYS A 62 23.84 3.52 -26.24
C LYS A 62 24.12 3.07 -24.80
N PHE A 63 25.22 2.35 -24.61
CA PHE A 63 25.61 1.88 -23.29
C PHE A 63 27.12 1.63 -23.28
N LYS A 64 27.80 2.09 -22.23
CA LYS A 64 29.24 1.94 -22.13
C LYS A 64 29.61 1.26 -20.82
N HIS A 65 30.69 0.47 -20.89
CA HIS A 65 31.07 -0.45 -19.84
C HIS A 65 32.54 -0.82 -20.00
N GLU A 75 25.29 -13.83 -21.69
CA GLU A 75 23.90 -14.14 -21.36
C GLU A 75 22.98 -12.98 -21.67
N VAL A 76 21.92 -13.27 -22.43
CA VAL A 76 20.88 -12.27 -22.73
C VAL A 76 20.33 -11.66 -21.44
N ALA A 77 20.06 -12.49 -20.43
CA ALA A 77 19.48 -12.00 -19.20
C ALA A 77 20.40 -11.01 -18.50
N ILE A 78 21.71 -11.24 -18.59
CA ILE A 78 22.63 -10.30 -17.97
C ILE A 78 22.60 -8.96 -18.69
N ARG A 79 22.43 -9.00 -20.02
CA ARG A 79 22.35 -7.77 -20.80
C ARG A 79 21.07 -7.00 -20.50
N ILE A 80 19.95 -7.72 -20.36
CA ILE A 80 18.68 -7.11 -20.00
C ILE A 80 18.80 -6.44 -18.63
N PHE A 81 19.41 -7.15 -17.69
CA PHE A 81 19.66 -6.61 -16.35
C PHE A 81 20.45 -5.30 -16.43
N GLN A 82 21.56 -5.30 -17.18
CA GLN A 82 22.37 -4.08 -17.29
C GLN A 82 21.62 -2.94 -17.97
N GLY A 83 20.89 -3.26 -19.01
CA GLY A 83 20.19 -2.24 -19.76
C GLY A 83 19.13 -1.61 -18.92
N CYS A 84 18.57 -2.41 -18.03
CA CYS A 84 17.54 -1.95 -17.16
C CYS A 84 18.11 -1.05 -16.13
N GLN A 85 19.14 -1.51 -15.46
CA GLN A 85 19.82 -0.69 -14.46
C GLN A 85 20.19 0.68 -15.01
N PHE A 86 20.72 0.72 -16.23
CA PHE A 86 21.03 1.99 -16.88
C PHE A 86 19.79 2.89 -16.97
N ARG A 87 18.66 2.30 -17.40
CA ARG A 87 17.45 3.09 -17.47
C ARG A 87 16.99 3.54 -16.09
N SER A 88 17.07 2.66 -15.09
CA SER A 88 16.59 3.02 -13.75
C SER A 88 17.35 4.21 -13.19
N VAL A 89 18.68 4.24 -13.40
CA VAL A 89 19.49 5.35 -12.91
C VAL A 89 19.09 6.66 -13.60
N GLU A 90 18.87 6.61 -14.91
CA GLU A 90 18.39 7.83 -15.56
C GLU A 90 16.98 8.23 -15.08
N ALA A 91 16.12 7.25 -14.79
CA ALA A 91 14.78 7.56 -14.31
C ALA A 91 14.82 8.20 -12.93
N VAL A 92 15.68 7.72 -12.05
CA VAL A 92 15.85 8.39 -10.77
C VAL A 92 16.23 9.84 -10.99
N GLN A 93 17.16 10.12 -11.91
CA GLN A 93 17.53 11.52 -12.11
C GLN A 93 16.36 12.36 -12.62
N GLU A 94 15.55 11.81 -13.53
CA GLU A 94 14.40 12.55 -14.03
C GLU A 94 13.37 12.81 -12.94
N ILE A 95 13.11 11.80 -12.10
CA ILE A 95 12.16 11.95 -11.01
C ILE A 95 12.68 12.97 -9.99
N THR A 96 14.01 13.05 -9.79
CA THR A 96 14.54 14.05 -8.86
C THR A 96 14.34 15.45 -9.41
N GLU A 97 14.58 15.66 -10.71
CA GLU A 97 14.32 16.97 -11.29
C GLU A 97 12.84 17.35 -11.16
N TYR A 98 11.94 16.42 -11.50
CA TYR A 98 10.52 16.70 -11.33
C TYR A 98 10.21 17.07 -9.88
N ALA A 99 10.72 16.28 -8.93
CA ALA A 99 10.41 16.53 -7.54
C ALA A 99 10.89 17.93 -7.16
N LYS A 100 12.03 18.33 -7.73
CA LYS A 100 12.60 19.63 -7.41
C LYS A 100 11.67 20.73 -7.88
N SER A 101 10.83 20.45 -8.89
CA SER A 101 9.91 21.51 -9.34
C SER A 101 8.61 21.57 -8.53
N ILE A 102 8.35 20.63 -7.64
CA ILE A 102 7.14 20.61 -6.82
C ILE A 102 7.19 21.74 -5.79
N PRO A 103 6.24 22.67 -5.78
CA PRO A 103 6.38 23.85 -4.91
C PRO A 103 6.34 23.47 -3.43
N GLY A 104 7.35 23.95 -2.70
CA GLY A 104 7.55 23.61 -1.31
C GLY A 104 8.55 22.50 -1.08
N PHE A 105 8.76 21.62 -2.07
CA PHE A 105 9.62 20.46 -1.87
C PHE A 105 11.04 20.86 -1.50
N VAL A 106 11.66 21.75 -2.29
CA VAL A 106 13.06 22.11 -2.05
C VAL A 106 13.24 23.06 -0.87
N ASN A 107 12.16 23.46 -0.19
CA ASN A 107 12.30 24.19 1.07
C ASN A 107 12.20 23.30 2.28
N LEU A 108 12.04 22.00 2.07
CA LEU A 108 11.93 21.11 3.21
C LEU A 108 13.34 20.70 3.63
N ASP A 109 13.44 20.28 4.88
CA ASP A 109 14.67 19.75 5.43
C ASP A 109 15.20 18.63 4.53
N LEU A 110 16.43 18.82 4.02
CA LEU A 110 17.03 17.88 3.07
C LEU A 110 16.91 16.43 3.50
N ASN A 111 16.97 16.13 4.80
CA ASN A 111 16.74 14.75 5.24
C ASN A 111 15.37 14.26 4.80
N ASP A 112 14.34 15.09 4.95
CA ASP A 112 13.03 14.70 4.46
C ASP A 112 12.98 14.61 2.94
N GLN A 113 13.61 15.57 2.24
CA GLN A 113 13.65 15.49 0.78
C GLN A 113 14.22 14.15 0.34
N VAL A 114 15.34 13.77 0.97
CA VAL A 114 16.01 12.49 0.70
C VAL A 114 15.09 11.32 1.00
N THR A 115 14.44 11.33 2.17
CA THR A 115 13.56 10.23 2.53
C THR A 115 12.41 10.07 1.53
N LEU A 116 11.82 11.19 1.11
CA LEU A 116 10.69 11.11 0.19
C LEU A 116 11.13 10.60 -1.18
N LEU A 117 12.30 11.03 -1.65
CA LEU A 117 12.85 10.46 -2.87
C LEU A 117 13.10 8.97 -2.72
N LYS A 118 13.75 8.59 -1.60
CA LYS A 118 14.13 7.19 -1.37
C LYS A 118 12.91 6.29 -1.44
N TYR A 119 11.79 6.71 -0.88
CA TYR A 119 10.66 5.79 -0.81
C TYR A 119 9.78 5.88 -2.05
N GLY A 120 9.68 7.07 -2.65
CA GLY A 120 8.81 7.29 -3.79
C GLY A 120 9.37 6.98 -5.17
N VAL A 121 10.69 6.88 -5.34
CA VAL A 121 11.21 6.86 -6.71
C VAL A 121 10.76 5.61 -7.45
N HIS A 122 10.84 4.43 -6.81
CA HIS A 122 10.46 3.24 -7.56
C HIS A 122 8.97 3.19 -7.83
N GLU A 123 8.15 3.74 -6.93
CA GLU A 123 6.72 3.76 -7.18
C GLU A 123 6.41 4.63 -8.38
N ILE A 124 7.15 5.72 -8.54
CA ILE A 124 6.97 6.56 -9.73
C ILE A 124 7.53 5.87 -10.95
N ILE A 125 8.65 5.15 -10.79
CA ILE A 125 9.23 4.44 -11.92
C ILE A 125 8.21 3.44 -12.47
N TYR A 126 7.51 2.74 -11.59
CA TYR A 126 6.57 1.72 -12.04
C TYR A 126 5.31 2.36 -12.62
N THR A 127 4.86 3.47 -12.01
CA THR A 127 3.76 4.23 -12.56
C THR A 127 4.05 4.66 -13.99
N MET A 128 5.20 5.30 -14.21
CA MET A 128 5.48 5.83 -15.54
C MET A 128 5.87 4.72 -16.51
N LEU A 129 6.47 3.63 -16.00
CA LEU A 129 6.71 2.46 -16.84
C LEU A 129 5.42 1.94 -17.44
N ALA A 130 4.33 2.01 -16.66
CA ALA A 130 3.05 1.58 -17.22
C ALA A 130 2.69 2.37 -18.47
N SER A 131 3.09 3.66 -18.52
CA SER A 131 2.84 4.46 -19.71
C SER A 131 3.48 3.87 -20.97
N LEU A 132 4.53 3.06 -20.84
CA LEU A 132 5.29 2.54 -21.97
C LEU A 132 4.92 1.11 -22.29
N MET A 133 3.89 0.58 -21.65
CA MET A 133 3.56 -0.82 -21.78
C MET A 133 2.18 -0.97 -22.42
N ASN A 134 2.02 -2.02 -23.22
CA ASN A 134 0.74 -2.68 -23.53
C ASN A 134 0.83 -4.14 -23.09
N LYS A 135 -0.16 -4.96 -23.47
CA LYS A 135 -0.19 -6.33 -22.99
C LYS A 135 0.92 -7.19 -23.60
N ASP A 136 1.51 -6.75 -24.72
CA ASP A 136 2.53 -7.55 -25.39
C ASP A 136 3.98 -7.11 -25.20
N GLY A 137 4.25 -5.92 -24.65
CA GLY A 137 5.63 -5.57 -24.38
C GLY A 137 5.77 -4.12 -23.93
N VAL A 138 7.03 -3.71 -23.86
CA VAL A 138 7.43 -2.44 -23.27
C VAL A 138 8.43 -1.73 -24.18
N LEU A 139 8.26 -0.42 -24.35
CA LEU A 139 9.28 0.35 -25.07
C LEU A 139 10.52 0.52 -24.21
N ILE A 140 11.68 0.44 -24.87
CA ILE A 140 12.99 0.59 -24.28
C ILE A 140 13.73 1.64 -25.06
N SER A 141 14.77 2.19 -24.43
CA SER A 141 15.69 3.13 -25.04
C SER A 141 14.94 4.27 -25.71
N GLU A 142 14.06 4.91 -24.93
CA GLU A 142 13.41 6.16 -25.31
C GLU A 142 12.54 6.00 -26.55
N GLY A 143 11.91 4.83 -26.68
CA GLY A 143 11.02 4.53 -27.78
C GLY A 143 11.68 3.92 -28.99
N GLN A 144 13.00 3.73 -28.96
CA GLN A 144 13.71 3.19 -30.11
C GLN A 144 13.55 1.68 -30.23
N GLY A 145 13.26 0.98 -29.11
CA GLY A 145 13.04 -0.44 -29.14
C GLY A 145 11.77 -0.82 -28.38
N PHE A 146 11.36 -2.07 -28.58
CA PHE A 146 10.15 -2.62 -27.99
C PHE A 146 10.41 -4.08 -27.66
N MET A 147 10.45 -4.40 -26.38
CA MET A 147 10.75 -5.75 -25.93
C MET A 147 9.47 -6.44 -25.53
N THR A 148 9.25 -7.64 -26.04
CA THR A 148 7.96 -8.29 -25.83
C THR A 148 7.88 -8.90 -24.44
N ARG A 149 6.66 -8.87 -23.90
CA ARG A 149 6.35 -9.55 -22.64
C ARG A 149 6.76 -11.02 -22.64
N GLU A 150 6.41 -11.76 -23.68
CA GLU A 150 6.79 -13.17 -23.75
C GLU A 150 8.28 -13.37 -23.58
N PHE A 151 9.09 -12.52 -24.24
CA PHE A 151 10.53 -12.66 -24.11
C PHE A 151 10.98 -12.40 -22.68
N LEU A 152 10.50 -11.31 -22.04
CA LEU A 152 10.91 -11.10 -20.66
C LEU A 152 10.48 -12.26 -19.78
N LYS A 153 9.29 -12.81 -20.04
CA LYS A 153 8.80 -13.92 -19.23
C LYS A 153 9.62 -15.19 -19.48
N SER A 154 10.32 -15.26 -20.62
CA SER A 154 11.09 -16.44 -21.01
C SER A 154 12.52 -16.37 -20.56
N LEU A 155 12.91 -15.28 -19.89
CA LEU A 155 14.26 -15.19 -19.38
C LEU A 155 14.48 -16.22 -18.29
N ARG A 156 15.70 -16.74 -18.20
CA ARG A 156 16.01 -17.74 -17.19
C ARG A 156 15.72 -17.25 -15.79
N LYS A 157 15.14 -18.09 -14.96
CA LYS A 157 14.85 -17.65 -13.62
C LYS A 157 16.10 -17.27 -12.85
N PRO A 158 16.00 -16.26 -12.00
CA PRO A 158 14.78 -15.53 -11.62
C PRO A 158 14.51 -14.31 -12.49
N PHE A 159 15.38 -14.12 -13.48
CA PHE A 159 15.32 -12.95 -14.35
C PHE A 159 13.98 -12.86 -15.10
N GLY A 160 13.40 -14.00 -15.47
CA GLY A 160 12.12 -14.00 -16.16
C GLY A 160 10.93 -13.54 -15.34
N ASP A 161 11.10 -13.36 -14.03
CA ASP A 161 9.99 -13.04 -13.15
C ASP A 161 9.90 -11.55 -12.82
N PHE A 162 10.86 -10.75 -13.27
CA PHE A 162 10.94 -9.36 -12.82
C PHE A 162 9.86 -8.49 -13.45
N MET A 163 9.70 -8.60 -14.78
CA MET A 163 8.84 -7.66 -15.50
C MET A 163 7.38 -8.08 -15.49
N GLU A 164 7.11 -9.37 -15.41
CA GLU A 164 5.74 -9.89 -15.50
C GLU A 164 4.76 -9.23 -14.54
N PRO A 165 5.07 -9.05 -13.24
CA PRO A 165 4.12 -8.31 -12.38
C PRO A 165 3.90 -6.87 -12.80
N LYS A 166 4.88 -6.24 -13.44
CA LYS A 166 4.70 -4.87 -13.89
C LYS A 166 3.72 -4.83 -15.05
N PHE A 167 3.80 -5.80 -15.95
CA PHE A 167 2.81 -5.87 -17.01
C PHE A 167 1.42 -6.05 -16.43
N GLU A 168 1.27 -6.92 -15.43
CA GLU A 168 -0.04 -7.08 -14.83
C GLU A 168 -0.55 -5.73 -14.34
N PHE A 169 0.29 -5.01 -13.60
CA PHE A 169 -0.13 -3.74 -13.07
C PHE A 169 -0.43 -2.77 -14.20
N ALA A 170 0.44 -2.74 -15.21
CA ALA A 170 0.24 -1.75 -16.26
C ALA A 170 -1.07 -1.98 -16.99
N VAL A 171 -1.43 -3.25 -17.25
CA VAL A 171 -2.68 -3.44 -17.99
C VAL A 171 -3.85 -2.93 -17.19
N LYS A 172 -3.81 -3.09 -15.86
CA LYS A 172 -4.91 -2.54 -15.08
C LYS A 172 -4.80 -1.02 -14.95
N PHE A 173 -3.57 -0.50 -14.80
CA PHE A 173 -3.41 0.94 -14.61
C PHE A 173 -3.77 1.69 -15.89
N ASN A 174 -3.35 1.18 -17.04
CA ASN A 174 -3.69 1.84 -18.28
C ASN A 174 -5.19 1.80 -18.53
N ALA A 175 -5.89 0.82 -17.92
CA ALA A 175 -7.34 0.81 -17.99
C ALA A 175 -7.97 2.07 -17.39
N LEU A 176 -7.27 2.78 -16.51
CA LEU A 176 -7.77 4.06 -16.03
C LEU A 176 -7.66 5.18 -17.07
N GLU A 177 -6.98 4.93 -18.19
CA GLU A 177 -6.85 5.88 -19.30
C GLU A 177 -6.40 7.26 -18.83
N LEU A 178 -5.42 7.30 -17.91
CA LEU A 178 -4.84 8.58 -17.54
C LEU A 178 -3.98 9.14 -18.66
N ASP A 179 -3.86 10.47 -18.68
CA ASP A 179 -2.95 11.19 -19.57
C ASP A 179 -1.81 11.83 -18.77
N ASP A 180 -0.88 12.42 -19.50
CA ASP A 180 0.29 13.05 -18.90
C ASP A 180 -0.11 14.10 -17.86
N SER A 181 -1.18 14.85 -18.12
CA SER A 181 -1.60 15.90 -17.19
C SER A 181 -2.11 15.30 -15.88
N ASP A 182 -2.79 14.15 -15.93
CA ASP A 182 -3.18 13.46 -14.71
C ASP A 182 -1.93 12.94 -13.98
N LEU A 183 -1.02 12.31 -14.72
CA LEU A 183 0.13 11.64 -14.13
C LEU A 183 1.05 12.61 -13.42
N ALA A 184 1.18 13.84 -13.93
CA ALA A 184 2.04 14.80 -13.26
C ALA A 184 1.59 15.05 -11.82
N ILE A 185 0.28 15.24 -11.62
CA ILE A 185 -0.21 15.49 -10.28
C ILE A 185 -0.16 14.21 -9.46
N PHE A 186 -0.45 13.07 -10.08
CA PHE A 186 -0.47 11.84 -9.29
C PHE A 186 0.93 11.50 -8.79
N ILE A 187 1.96 11.63 -9.64
CA ILE A 187 3.30 11.32 -9.13
C ILE A 187 3.75 12.38 -8.12
N ALA A 188 3.22 13.60 -8.20
CA ALA A 188 3.56 14.58 -7.16
C ALA A 188 2.96 14.14 -5.83
N VAL A 189 1.68 13.77 -5.86
CA VAL A 189 1.01 13.20 -4.69
C VAL A 189 1.85 12.08 -4.10
N ILE A 190 2.35 11.19 -4.96
CA ILE A 190 3.11 10.03 -4.49
C ILE A 190 4.34 10.49 -3.72
N ILE A 191 5.07 11.45 -4.27
CA ILE A 191 6.34 11.84 -3.64
C ILE A 191 6.07 12.43 -2.25
N LEU A 192 5.05 13.29 -2.16
CA LEU A 192 4.78 13.99 -0.91
C LEU A 192 3.94 13.16 0.06
N SER A 193 4.37 11.92 0.32
CA SER A 193 3.62 11.00 1.18
C SER A 193 4.10 11.15 2.62
N GLY A 194 3.17 11.51 3.51
CA GLY A 194 3.52 11.81 4.88
C GLY A 194 3.85 10.60 5.72
N ASP A 195 3.58 9.38 5.23
CA ASP A 195 3.82 8.17 6.01
C ASP A 195 5.14 7.48 5.63
N ARG A 196 6.05 8.19 4.97
CA ARG A 196 7.37 7.63 4.68
C ARG A 196 8.11 7.41 6.00
N PRO A 197 8.66 6.22 6.23
CA PRO A 197 9.43 5.99 7.47
C PRO A 197 10.62 6.92 7.61
N GLY A 198 10.71 7.60 8.75
CA GLY A 198 11.88 8.38 9.09
C GLY A 198 11.78 9.87 8.85
N LEU A 199 10.61 10.36 8.50
CA LEU A 199 10.42 11.80 8.29
C LEU A 199 10.47 12.56 9.61
N LEU A 200 11.18 13.70 9.62
CA LEU A 200 11.26 14.43 10.87
C LEU A 200 10.05 15.33 11.08
N ASN A 201 9.75 16.20 10.11
CA ASN A 201 8.58 17.06 10.19
C ASN A 201 7.55 16.66 9.13
N VAL A 202 6.51 15.95 9.54
CA VAL A 202 5.51 15.41 8.62
C VAL A 202 4.59 16.54 8.13
N LYS A 203 4.42 17.60 8.93
CA LYS A 203 3.32 18.53 8.71
C LYS A 203 3.50 19.33 7.42
N PRO A 204 4.64 20.01 7.15
CA PRO A 204 4.73 20.75 5.87
C PRO A 204 4.55 19.85 4.67
N ILE A 205 5.08 18.63 4.77
CA ILE A 205 4.86 17.62 3.75
C ILE A 205 3.37 17.44 3.50
N GLU A 206 2.64 17.10 4.56
CA GLU A 206 1.21 16.85 4.44
C GLU A 206 0.45 18.10 3.96
N ASP A 207 0.90 19.30 4.30
CA ASP A 207 0.27 20.50 3.75
C ASP A 207 0.43 20.56 2.23
N ILE A 208 1.66 20.29 1.75
CA ILE A 208 1.87 20.30 0.31
C ILE A 208 1.05 19.21 -0.34
N GLN A 209 0.96 18.05 0.31
CA GLN A 209 0.25 16.94 -0.31
C GLN A 209 -1.24 17.23 -0.38
N ASP A 210 -1.80 17.89 0.64
CA ASP A 210 -3.22 18.21 0.56
C ASP A 210 -3.50 19.19 -0.56
N ASN A 211 -2.55 20.08 -0.86
CA ASN A 211 -2.80 20.95 -2.00
C ASN A 211 -2.68 20.18 -3.31
N LEU A 212 -1.70 19.28 -3.40
CA LEU A 212 -1.58 18.42 -4.56
C LEU A 212 -2.83 17.56 -4.76
N LEU A 213 -3.39 17.05 -3.65
CA LEU A 213 -4.58 16.23 -3.72
C LEU A 213 -5.78 17.01 -4.22
N GLN A 214 -5.93 18.25 -3.74
CA GLN A 214 -7.02 19.07 -4.25
C GLN A 214 -6.88 19.33 -5.75
N ALA A 215 -5.65 19.61 -6.20
CA ALA A 215 -5.44 19.78 -7.63
C ALA A 215 -5.71 18.50 -8.41
N LEU A 216 -5.34 17.34 -7.86
CA LEU A 216 -5.61 16.08 -8.54
C LEU A 216 -7.10 15.79 -8.61
N GLU A 217 -7.85 16.13 -7.56
CA GLU A 217 -9.28 15.83 -7.58
C GLU A 217 -9.99 16.71 -8.59
N LEU A 218 -9.66 17.99 -8.62
CA LEU A 218 -10.20 18.87 -9.66
C LEU A 218 -9.78 18.44 -11.06
N GLN A 219 -8.51 18.01 -11.20
CA GLN A 219 -8.00 17.56 -12.49
C GLN A 219 -8.79 16.36 -13.00
N LEU A 220 -8.93 15.31 -12.19
CA LEU A 220 -9.67 14.14 -12.63
C LEU A 220 -11.14 14.45 -12.86
N LYS A 221 -11.69 15.45 -12.14
CA LYS A 221 -13.11 15.69 -12.34
C LYS A 221 -13.34 16.41 -13.65
N LEU A 222 -12.47 17.36 -13.99
CA LEU A 222 -12.64 18.00 -15.29
C LEU A 222 -12.19 17.12 -16.44
N ASN A 223 -11.05 16.44 -16.33
CA ASN A 223 -10.47 15.71 -17.45
C ASN A 223 -11.15 14.36 -17.72
N HIS A 224 -11.74 13.74 -16.70
CA HIS A 224 -12.41 12.45 -16.87
C HIS A 224 -13.77 12.45 -16.16
N PRO A 225 -14.69 13.34 -16.55
CA PRO A 225 -16.09 13.10 -16.20
C PRO A 225 -16.56 11.80 -16.82
N GLU A 226 -17.56 11.19 -16.18
CA GLU A 226 -18.16 9.90 -16.55
C GLU A 226 -17.26 8.73 -16.17
N SER A 227 -16.15 8.96 -15.46
CA SER A 227 -15.37 7.89 -14.85
C SER A 227 -15.53 8.00 -13.34
N SER A 228 -16.67 7.50 -12.85
CA SER A 228 -17.04 7.62 -11.45
C SER A 228 -15.95 7.12 -10.53
N GLN A 229 -15.66 7.92 -9.50
CA GLN A 229 -14.75 7.54 -8.43
C GLN A 229 -13.35 7.23 -8.94
N LEU A 230 -12.96 7.88 -10.05
CA LEU A 230 -11.62 7.67 -10.59
C LEU A 230 -10.55 8.08 -9.60
N PHE A 231 -10.79 9.16 -8.86
CA PHE A 231 -9.86 9.63 -7.85
C PHE A 231 -9.54 8.54 -6.82
N ALA A 232 -10.58 7.85 -6.34
CA ALA A 232 -10.39 6.78 -5.35
C ALA A 232 -9.68 5.56 -5.95
N LYS A 233 -9.97 5.23 -7.21
CA LYS A 233 -9.31 4.11 -7.87
C LYS A 233 -7.83 4.40 -8.03
N LEU A 234 -7.53 5.67 -8.25
CA LEU A 234 -6.15 5.99 -8.51
C LEU A 234 -5.40 5.95 -7.18
N LEU A 235 -6.02 6.44 -6.10
CA LEU A 235 -5.36 6.33 -4.80
C LEU A 235 -5.13 4.87 -4.39
N GLN A 236 -6.03 3.95 -4.77
CA GLN A 236 -5.83 2.52 -4.50
C GLN A 236 -4.63 1.98 -5.29
N LYS A 237 -4.33 2.61 -6.42
CA LYS A 237 -3.18 2.05 -7.13
C LYS A 237 -1.89 2.30 -6.37
N MET A 238 -1.82 3.31 -5.48
CA MET A 238 -0.63 3.52 -4.68
C MET A 238 -0.27 2.29 -3.85
N THR A 239 -1.29 1.59 -3.34
CA THR A 239 -0.94 0.37 -2.61
C THR A 239 -0.55 -0.72 -3.59
N ASP A 240 -1.14 -0.72 -4.78
CA ASP A 240 -0.60 -1.65 -5.77
C ASP A 240 0.91 -1.41 -5.98
N LEU A 241 1.30 -0.14 -6.21
CA LEU A 241 2.72 0.20 -6.37
C LEU A 241 3.58 -0.30 -5.22
N ARG A 242 3.03 -0.26 -4.00
CA ARG A 242 3.84 -0.62 -2.84
C ARG A 242 4.11 -2.12 -2.84
N GLN A 243 3.11 -2.91 -3.24
CA GLN A 243 3.33 -4.35 -3.29
C GLN A 243 4.36 -4.66 -4.38
N ILE A 244 4.29 -3.93 -5.50
CA ILE A 244 5.27 -4.11 -6.56
C ILE A 244 6.70 -3.83 -6.09
N VAL A 245 6.90 -2.72 -5.37
CA VAL A 245 8.23 -2.44 -4.80
C VAL A 245 8.70 -3.57 -3.89
N THR A 246 7.81 -4.04 -2.99
CA THR A 246 8.18 -5.11 -2.05
C THR A 246 8.66 -6.35 -2.79
N GLU A 247 7.89 -6.80 -3.78
CA GLU A 247 8.26 -7.96 -4.55
C GLU A 247 9.55 -7.75 -5.34
N HIS A 248 9.71 -6.57 -5.94
CA HIS A 248 10.95 -6.30 -6.66
C HIS A 248 12.17 -6.42 -5.74
N VAL A 249 12.08 -5.87 -4.52
CA VAL A 249 13.17 -6.01 -3.56
C VAL A 249 13.47 -7.48 -3.25
N GLN A 250 12.43 -8.31 -3.10
CA GLN A 250 12.70 -9.74 -2.80
C GLN A 250 13.41 -10.42 -3.96
N LEU A 251 13.06 -10.04 -5.19
CA LEU A 251 13.74 -10.64 -6.33
C LEU A 251 15.17 -10.13 -6.46
N LEU A 252 15.39 -8.83 -6.20
CA LEU A 252 16.77 -8.36 -6.14
C LEU A 252 17.60 -9.19 -5.16
N GLN A 253 17.01 -9.58 -4.01
CA GLN A 253 17.82 -10.38 -3.09
C GLN A 253 18.03 -11.81 -3.58
N VAL A 254 17.09 -12.37 -4.35
CA VAL A 254 17.42 -13.63 -5.01
C VAL A 254 18.64 -13.43 -5.91
N ILE A 255 18.68 -12.30 -6.63
CA ILE A 255 19.76 -12.13 -7.60
C ILE A 255 21.09 -11.95 -6.87
N LYS A 256 21.08 -11.13 -5.82
CA LYS A 256 22.28 -10.87 -5.02
C LYS A 256 22.74 -12.10 -4.24
N LYS A 257 21.83 -13.01 -3.89
CA LYS A 257 22.24 -14.19 -3.15
C LYS A 257 22.71 -15.31 -4.06
N THR A 258 22.15 -15.42 -5.26
CA THR A 258 22.44 -16.52 -6.16
C THR A 258 23.35 -16.21 -7.34
N GLU A 259 23.17 -15.04 -7.97
CA GLU A 259 24.01 -14.69 -9.11
C GLU A 259 25.37 -14.13 -8.71
N THR A 260 26.35 -14.40 -9.58
CA THR A 260 27.73 -13.98 -9.41
C THR A 260 27.94 -12.59 -9.99
N ASP A 261 28.56 -11.72 -9.19
CA ASP A 261 28.85 -10.33 -9.53
C ASP A 261 27.64 -9.61 -10.11
N MET A 262 26.72 -9.19 -9.25
CA MET A 262 25.57 -8.41 -9.67
C MET A 262 25.40 -7.23 -8.74
N SER A 263 26.51 -6.54 -8.48
CA SER A 263 26.43 -5.26 -7.81
C SER A 263 25.46 -4.33 -8.52
N LEU A 264 24.71 -3.58 -7.73
CA LEU A 264 23.87 -2.57 -8.35
C LEU A 264 24.70 -1.30 -8.50
N HIS A 265 24.24 -0.41 -9.37
CA HIS A 265 24.83 0.91 -9.45
C HIS A 265 24.80 1.54 -8.06
N PRO A 266 25.83 2.29 -7.66
CA PRO A 266 25.89 2.76 -6.26
C PRO A 266 24.67 3.56 -5.85
N LEU A 267 24.00 4.24 -6.79
CA LEU A 267 22.85 5.07 -6.45
C LEU A 267 21.62 4.20 -6.16
N LEU A 268 21.47 3.07 -6.85
CA LEU A 268 20.37 2.17 -6.54
C LEU A 268 20.63 1.45 -5.22
N GLN A 269 21.90 1.11 -4.96
CA GLN A 269 22.26 0.57 -3.67
C GLN A 269 21.92 1.56 -2.57
N GLU A 270 22.26 2.83 -2.80
CA GLU A 270 21.95 3.87 -1.84
C GLU A 270 20.46 3.95 -1.57
N ILE A 271 19.64 3.72 -2.60
CA ILE A 271 18.19 3.86 -2.42
C ILE A 271 17.63 2.67 -1.64
N TYR A 272 18.11 1.47 -1.94
CA TYR A 272 17.61 0.26 -1.29
C TYR A 272 18.22 -0.05 0.07
N LYS A 273 19.33 0.57 0.47
CA LYS A 273 19.88 0.33 1.79
C LYS A 273 18.87 0.73 2.85
N ASP A 274 18.42 -0.25 3.64
CA ASP A 274 17.51 -0.01 4.77
C ASP A 274 16.20 0.57 4.28
N LEU A 275 15.75 0.11 3.13
CA LEU A 275 14.42 0.40 2.62
C LEU A 275 13.45 -0.62 3.20
N TYR A 276 12.57 -0.14 4.07
CA TYR A 276 11.62 -0.99 4.80
C TYR A 276 12.36 -2.02 5.64
N VAL B 4 25.39 15.48 12.74
CA VAL B 4 26.28 14.98 11.68
C VAL B 4 25.65 13.76 10.96
N PRO B 5 25.25 12.69 11.70
CA PRO B 5 24.69 11.52 11.01
C PRO B 5 23.17 11.55 10.88
N ASP B 6 22.68 11.54 9.64
CA ASP B 6 21.24 11.55 9.39
C ASP B 6 21.01 10.97 7.98
N ALA B 7 19.78 11.09 7.49
CA ALA B 7 19.44 10.49 6.21
C ALA B 7 20.19 11.15 5.05
N ALA B 8 20.38 12.48 5.09
CA ALA B 8 21.13 13.15 4.03
C ALA B 8 22.53 12.55 3.90
N SER B 9 23.17 12.25 5.03
CA SER B 9 24.52 11.71 4.99
C SER B 9 24.53 10.26 4.52
N LYS B 10 23.49 9.51 4.80
CA LYS B 10 23.42 8.13 4.36
C LYS B 10 23.05 7.99 2.89
N HIS B 11 22.73 9.11 2.20
CA HIS B 11 22.37 9.10 0.78
C HIS B 11 23.14 10.22 0.06
N LYS B 12 24.45 10.01 -0.10
CA LYS B 12 25.33 11.03 -0.68
C LYS B 12 24.93 11.38 -2.10
N GLN B 13 24.61 10.37 -2.94
CA GLN B 13 24.29 10.63 -4.34
C GLN B 13 22.90 11.22 -4.52
N LEU B 14 21.92 10.73 -3.77
CA LEU B 14 20.61 11.39 -3.79
C LEU B 14 20.74 12.84 -3.34
N SER B 15 21.49 13.09 -2.28
CA SER B 15 21.71 14.46 -1.82
C SER B 15 22.32 15.31 -2.93
N GLU B 16 23.39 14.82 -3.55
CA GLU B 16 24.03 15.54 -4.64
C GLU B 16 23.04 15.87 -5.76
N LEU B 17 22.21 14.89 -6.14
CA LEU B 17 21.19 15.16 -7.16
C LEU B 17 20.19 16.21 -6.72
N LEU B 18 19.83 16.23 -5.42
CA LEU B 18 18.77 17.10 -4.94
C LEU B 18 19.19 18.56 -4.82
N ARG B 19 20.50 18.83 -4.73
CA ARG B 19 20.98 20.18 -4.45
C ARG B 19 20.98 21.04 -5.71
N GLY B 20 20.79 22.35 -5.50
CA GLY B 20 20.93 23.32 -6.57
C GLY B 20 19.79 23.29 -7.58
N GLY B 21 20.16 23.36 -8.85
CA GLY B 21 19.20 23.40 -9.94
C GLY B 21 18.94 24.80 -10.45
N GLU C 6 -30.01 9.60 -5.48
CA GLU C 6 -28.79 8.79 -5.33
C GLU C 6 -28.07 9.18 -4.04
N SER C 7 -28.11 10.47 -3.68
CA SER C 7 -27.54 10.85 -2.39
C SER C 7 -28.33 10.25 -1.21
N ALA C 8 -29.67 10.11 -1.34
CA ALA C 8 -30.41 9.46 -0.26
C ALA C 8 -30.16 7.96 -0.18
N ASP C 9 -29.94 7.29 -1.32
CA ASP C 9 -29.65 5.87 -1.19
C ASP C 9 -28.23 5.68 -0.67
N LEU C 10 -27.30 6.57 -1.03
CA LEU C 10 -25.95 6.49 -0.48
C LEU C 10 -25.96 6.71 1.03
N ARG C 11 -26.90 7.52 1.52
CA ARG C 11 -27.00 7.73 2.95
C ARG C 11 -27.70 6.56 3.63
N ALA C 12 -28.65 5.93 2.93
CA ALA C 12 -29.25 4.71 3.45
C ALA C 12 -28.25 3.58 3.51
N LEU C 13 -27.38 3.49 2.49
CA LEU C 13 -26.33 2.49 2.52
C LEU C 13 -25.40 2.73 3.70
N ALA C 14 -25.07 4.00 3.96
CA ALA C 14 -24.22 4.29 5.10
C ALA C 14 -24.89 3.82 6.38
N LYS C 15 -26.18 4.12 6.56
CA LYS C 15 -26.91 3.67 7.75
C LYS C 15 -26.97 2.15 7.86
N HIS C 16 -27.21 1.47 6.73
CA HIS C 16 -27.21 0.01 6.72
C HIS C 16 -25.87 -0.56 7.17
N LEU C 17 -24.80 0.05 6.69
CA LEU C 17 -23.48 -0.45 7.02
C LEU C 17 -23.19 -0.21 8.48
N TYR C 18 -23.55 0.98 8.99
CA TYR C 18 -23.30 1.29 10.39
C TYR C 18 -24.09 0.35 11.30
N ASP C 19 -25.35 0.02 10.96
CA ASP C 19 -26.13 -0.89 11.77
C ASP C 19 -25.54 -2.30 11.76
N SER C 20 -25.05 -2.77 10.61
CA SER C 20 -24.45 -4.11 10.60
C SER C 20 -23.15 -4.13 11.38
N TYR C 21 -22.37 -3.05 11.28
CA TYR C 21 -21.17 -2.88 12.10
C TYR C 21 -21.52 -2.97 13.58
N ILE C 22 -22.58 -2.27 14.01
CA ILE C 22 -22.92 -2.29 15.42
C ILE C 22 -23.38 -3.67 15.84
N LYS C 23 -24.07 -4.40 14.95
CA LYS C 23 -24.51 -5.73 15.33
C LYS C 23 -23.36 -6.74 15.33
N SER C 24 -22.27 -6.44 14.64
CA SER C 24 -21.24 -7.44 14.38
C SER C 24 -20.05 -7.31 15.31
N PHE C 25 -19.75 -6.09 15.79
CA PHE C 25 -18.54 -5.84 16.56
C PHE C 25 -18.90 -5.32 17.95
N PRO C 26 -18.83 -6.17 18.97
CA PRO C 26 -19.26 -5.74 20.32
C PRO C 26 -18.51 -4.55 20.88
N LEU C 27 -17.20 -4.46 20.65
CA LEU C 27 -16.38 -3.37 21.18
C LEU C 27 -16.09 -2.39 20.04
N THR C 28 -16.86 -1.31 20.02
CA THR C 28 -16.73 -0.27 19.00
C THR C 28 -15.63 0.71 19.40
N LYS C 29 -15.31 1.61 18.46
CA LYS C 29 -14.40 2.70 18.78
C LYS C 29 -15.01 3.65 19.81
N ALA C 30 -16.33 3.86 19.76
CA ALA C 30 -16.96 4.72 20.76
C ALA C 30 -16.69 4.22 22.17
N LYS C 31 -16.87 2.91 22.40
CA LYS C 31 -16.67 2.43 23.76
C LYS C 31 -15.19 2.42 24.12
N ALA C 32 -14.29 2.16 23.16
CA ALA C 32 -12.88 2.17 23.51
C ALA C 32 -12.42 3.58 23.88
N ARG C 33 -12.90 4.59 23.14
CA ARG C 33 -12.57 5.97 23.48
C ARG C 33 -13.15 6.35 24.84
N ALA C 34 -14.36 5.87 25.13
CA ALA C 34 -14.97 6.16 26.42
C ALA C 34 -14.16 5.54 27.56
N ILE C 35 -13.60 4.35 27.32
CA ILE C 35 -12.75 3.71 28.32
C ILE C 35 -11.45 4.49 28.50
N LEU C 36 -10.79 4.82 27.38
CA LEU C 36 -9.45 5.39 27.47
C LEU C 36 -9.43 6.82 28.00
N THR C 37 -10.57 7.52 28.01
CA THR C 37 -10.62 8.91 28.50
C THR C 37 -11.53 9.07 29.72
N GLY C 38 -11.85 7.98 30.41
CA GLY C 38 -12.55 8.00 31.68
C GLY C 38 -13.96 8.54 31.67
N LYS C 39 -14.61 8.64 30.51
CA LYS C 39 -15.99 9.12 30.44
C LYS C 39 -17.01 8.03 30.70
N THR C 40 -16.58 6.78 30.72
CA THR C 40 -17.46 5.64 30.96
C THR C 40 -17.82 5.52 32.44
N THR C 41 -18.77 4.62 32.69
CA THR C 41 -19.02 4.11 34.03
C THR C 41 -18.38 2.74 34.27
N ASP C 42 -17.99 2.05 33.19
CA ASP C 42 -17.03 0.94 33.28
C ASP C 42 -15.90 1.32 34.22
N LYS C 43 -15.49 0.38 35.06
CA LYS C 43 -14.25 0.57 35.80
C LYS C 43 -13.05 0.68 34.88
N SER C 44 -11.99 1.34 35.38
CA SER C 44 -10.85 1.63 34.55
C SER C 44 -10.21 0.30 34.17
N PRO C 45 -9.54 0.21 33.03
CA PRO C 45 -8.80 -1.02 32.75
C PRO C 45 -7.72 -1.27 33.79
N PHE C 46 -7.39 -2.54 34.01
CA PHE C 46 -6.20 -2.84 34.79
C PHE C 46 -5.01 -2.51 33.92
N VAL C 47 -4.01 -1.86 34.46
CA VAL C 47 -2.92 -1.42 33.60
C VAL C 47 -1.80 -2.43 33.77
N ILE C 48 -1.46 -3.09 32.67
CA ILE C 48 -0.33 -4.01 32.59
C ILE C 48 0.82 -3.27 31.91
N TYR C 49 1.87 -3.00 32.68
CA TYR C 49 2.98 -2.21 32.17
C TYR C 49 4.32 -2.88 32.43
N ASP C 50 4.35 -3.95 33.20
CA ASP C 50 5.57 -4.71 33.40
C ASP C 50 5.14 -6.11 33.83
N MET C 51 6.14 -6.95 34.07
CA MET C 51 5.86 -8.32 34.49
C MET C 51 5.12 -8.33 35.81
N ASN C 52 5.53 -7.45 36.72
CA ASN C 52 5.04 -7.43 38.09
C ASN C 52 3.58 -6.99 38.15
N SER C 53 3.19 -5.99 37.34
CA SER C 53 1.78 -5.62 37.36
C SER C 53 0.92 -6.63 36.61
N LEU C 54 1.53 -7.33 35.66
CA LEU C 54 0.84 -8.45 35.02
C LEU C 54 0.49 -9.52 36.04
N MET C 55 1.49 -9.98 36.81
CA MET C 55 1.24 -10.94 37.88
C MET C 55 0.24 -10.42 38.90
N MET C 56 0.22 -9.11 39.15
CA MET C 56 -0.74 -8.60 40.13
C MET C 56 -2.18 -8.64 39.61
N GLY C 57 -2.39 -8.42 38.31
CA GLY C 57 -3.72 -8.43 37.75
C GLY C 57 -4.12 -9.71 37.02
N GLU C 58 -3.30 -10.72 37.18
CA GLU C 58 -3.72 -12.02 36.78
C GLU C 58 -4.41 -12.63 38.03
N ASP C 59 -3.99 -12.17 39.21
CA ASP C 59 -4.46 -12.57 40.52
C ASP C 59 -5.92 -12.27 40.81
N LYS C 60 -6.41 -11.10 40.46
CA LYS C 60 -7.79 -10.79 40.75
C LYS C 60 -8.80 -10.93 39.64
N ILE C 61 -8.35 -10.74 38.39
CA ILE C 61 -9.19 -10.77 37.20
C ILE C 61 -8.55 -11.64 36.12
N LYS C 62 -9.29 -11.92 35.04
CA LYS C 62 -8.79 -12.68 33.87
C LYS C 62 -7.30 -12.49 33.53
N GLU C 71 -3.04 -21.22 35.34
CA GLU C 71 -2.44 -22.41 35.93
C GLU C 71 -1.89 -23.34 34.85
N GLN C 72 -2.33 -23.12 33.60
CA GLN C 72 -1.59 -23.62 32.44
C GLN C 72 -0.45 -22.64 32.19
N SER C 73 0.57 -22.74 33.05
CA SER C 73 1.67 -21.81 32.96
C SER C 73 2.36 -21.97 31.60
N LYS C 74 2.78 -20.84 31.05
CA LYS C 74 3.55 -20.85 29.83
C LYS C 74 4.51 -19.66 29.89
N GLU C 75 5.11 -19.36 28.75
CA GLU C 75 5.87 -18.14 28.52
C GLU C 75 4.93 -16.97 28.43
N VAL C 76 5.22 -15.90 29.17
CA VAL C 76 4.39 -14.70 29.01
C VAL C 76 4.33 -14.36 27.52
N ALA C 77 5.46 -14.45 26.81
CA ALA C 77 5.40 -14.10 25.40
C ALA C 77 4.47 -15.09 24.67
N ILE C 78 4.51 -16.36 25.08
CA ILE C 78 3.62 -17.37 24.49
C ILE C 78 2.18 -17.14 24.89
N ARG C 79 1.93 -16.66 26.11
CA ARG C 79 0.55 -16.40 26.52
C ARG C 79 -0.01 -15.24 25.73
N ILE C 80 0.82 -14.22 25.49
CA ILE C 80 0.42 -13.11 24.63
C ILE C 80 0.10 -13.62 23.23
N PHE C 81 0.97 -14.50 22.71
CA PHE C 81 0.76 -15.12 21.40
C PHE C 81 -0.61 -15.81 21.32
N GLN C 82 -0.91 -16.67 22.30
CA GLN C 82 -2.20 -17.37 22.30
C GLN C 82 -3.38 -16.40 22.48
N GLY C 83 -3.21 -15.36 23.30
CA GLY C 83 -4.29 -14.42 23.50
C GLY C 83 -4.60 -13.65 22.21
N CYS C 84 -3.55 -13.28 21.47
CA CYS C 84 -3.79 -12.51 20.26
C CYS C 84 -4.37 -13.42 19.19
N GLN C 85 -3.93 -14.68 19.16
CA GLN C 85 -4.54 -15.63 18.23
C GLN C 85 -6.03 -15.83 18.54
N PHE C 86 -6.37 -15.98 19.83
CA PHE C 86 -7.77 -16.09 20.24
C PHE C 86 -8.60 -14.91 19.81
N ARG C 87 -8.08 -13.69 20.02
CA ARG C 87 -8.85 -12.54 19.57
C ARG C 87 -8.95 -12.54 18.05
N SER C 88 -7.86 -12.89 17.36
CA SER C 88 -7.88 -12.86 15.90
C SER C 88 -8.95 -13.80 15.34
N VAL C 89 -9.09 -14.98 15.94
CA VAL C 89 -10.10 -15.93 15.47
C VAL C 89 -11.51 -15.38 15.69
N GLU C 90 -11.75 -14.79 16.86
CA GLU C 90 -13.07 -14.19 17.05
C GLU C 90 -13.30 -13.00 16.11
N ALA C 91 -12.24 -12.23 15.82
CA ALA C 91 -12.38 -11.09 14.91
C ALA C 91 -12.67 -11.55 13.49
N VAL C 92 -12.01 -12.61 13.03
CA VAL C 92 -12.34 -13.18 11.74
C VAL C 92 -13.81 -13.56 11.67
N GLN C 93 -14.33 -14.19 12.73
CA GLN C 93 -15.73 -14.59 12.68
C GLN C 93 -16.64 -13.35 12.61
N GLU C 94 -16.31 -12.31 13.36
CA GLU C 94 -17.12 -11.09 13.32
C GLU C 94 -17.04 -10.39 11.96
N ILE C 95 -15.83 -10.32 11.39
CA ILE C 95 -15.65 -9.68 10.09
C ILE C 95 -16.39 -10.46 9.02
N THR C 96 -16.45 -11.78 9.14
CA THR C 96 -17.20 -12.56 8.16
C THR C 96 -18.69 -12.29 8.28
N GLU C 97 -19.19 -12.21 9.52
CA GLU C 97 -20.59 -11.88 9.72
C GLU C 97 -20.90 -10.51 9.12
N TYR C 98 -20.06 -9.53 9.42
CA TYR C 98 -20.21 -8.20 8.83
C TYR C 98 -20.19 -8.25 7.30
N ALA C 99 -19.23 -8.98 6.74
CA ALA C 99 -19.05 -9.01 5.30
C ALA C 99 -20.32 -9.51 4.62
N LYS C 100 -21.00 -10.46 5.26
CA LYS C 100 -22.21 -11.01 4.65
C LYS C 100 -23.32 -9.97 4.48
N SER C 101 -23.32 -8.91 5.28
CA SER C 101 -24.33 -7.86 5.19
C SER C 101 -23.99 -6.78 4.16
N ILE C 102 -22.81 -6.82 3.57
CA ILE C 102 -22.43 -5.85 2.55
C ILE C 102 -23.26 -6.14 1.31
N PRO C 103 -24.07 -5.21 0.81
CA PRO C 103 -25.01 -5.57 -0.26
C PRO C 103 -24.29 -5.98 -1.54
N GLY C 104 -24.67 -7.15 -2.07
CA GLY C 104 -24.00 -7.73 -3.21
C GLY C 104 -22.96 -8.78 -2.87
N PHE C 105 -22.39 -8.75 -1.66
CA PHE C 105 -21.30 -9.64 -1.30
C PHE C 105 -21.67 -11.12 -1.43
N VAL C 106 -22.80 -11.52 -0.81
CA VAL C 106 -23.15 -12.93 -0.81
C VAL C 106 -23.73 -13.42 -2.12
N ASN C 107 -23.83 -12.57 -3.14
CA ASN C 107 -24.18 -13.03 -4.48
C ASN C 107 -22.96 -13.26 -5.35
N LEU C 108 -21.76 -13.07 -4.80
CA LEU C 108 -20.59 -13.26 -5.60
C LEU C 108 -20.22 -14.73 -5.54
N ASP C 109 -19.46 -15.16 -6.54
CA ASP C 109 -18.92 -16.51 -6.59
C ASP C 109 -18.20 -16.80 -5.28
N LEU C 110 -18.66 -17.84 -4.57
CA LEU C 110 -18.12 -18.16 -3.24
C LEU C 110 -16.59 -18.18 -3.18
N ASN C 111 -15.94 -18.60 -4.26
CA ASN C 111 -14.48 -18.54 -4.32
C ASN C 111 -13.98 -17.12 -4.14
N ASP C 112 -14.63 -16.16 -4.80
CA ASP C 112 -14.23 -14.77 -4.59
C ASP C 112 -14.57 -14.30 -3.18
N GLN C 113 -15.72 -14.70 -2.63
CA GLN C 113 -16.04 -14.34 -1.25
C GLN C 113 -14.92 -14.78 -0.33
N VAL C 114 -14.47 -16.04 -0.49
CA VAL C 114 -13.38 -16.59 0.29
C VAL C 114 -12.09 -15.81 0.09
N THR C 115 -11.75 -15.51 -1.18
CA THR C 115 -10.52 -14.76 -1.45
C THR C 115 -10.55 -13.37 -0.80
N LEU C 116 -11.69 -12.69 -0.89
CA LEU C 116 -11.77 -11.34 -0.34
C LEU C 116 -11.67 -11.38 1.18
N LEU C 117 -12.29 -12.38 1.80
CA LEU C 117 -12.11 -12.57 3.23
C LEU C 117 -10.65 -12.83 3.56
N LYS C 118 -10.02 -13.76 2.81
CA LYS C 118 -8.64 -14.16 3.08
C LYS C 118 -7.71 -12.97 3.05
N TYR C 119 -7.90 -12.06 2.10
CA TYR C 119 -6.94 -10.98 1.95
C TYR C 119 -7.31 -9.78 2.81
N GLY C 120 -8.62 -9.54 3.01
CA GLY C 120 -9.05 -8.36 3.75
C GLY C 120 -9.13 -8.48 5.25
N VAL C 121 -9.17 -9.69 5.83
CA VAL C 121 -9.49 -9.80 7.26
C VAL C 121 -8.41 -9.16 8.11
N HIS C 122 -7.14 -9.43 7.80
CA HIS C 122 -6.10 -8.87 8.66
C HIS C 122 -6.01 -7.35 8.52
N GLU C 123 -6.31 -6.83 7.33
CA GLU C 123 -6.30 -5.39 7.14
C GLU C 123 -7.39 -4.75 7.97
N ILE C 124 -8.53 -5.43 8.08
CA ILE C 124 -9.60 -4.92 8.94
C ILE C 124 -9.25 -5.08 10.40
N ILE C 125 -8.57 -6.18 10.76
CA ILE C 125 -8.16 -6.39 12.14
C ILE C 125 -7.28 -5.24 12.59
N TYR C 126 -6.33 -4.82 11.73
CA TYR C 126 -5.40 -3.77 12.12
C TYR C 126 -6.09 -2.41 12.15
N THR C 127 -7.01 -2.19 11.19
CA THR C 127 -7.82 -0.97 11.20
C THR C 127 -8.56 -0.84 12.54
N MET C 128 -9.29 -1.89 12.92
CA MET C 128 -10.13 -1.79 14.12
C MET C 128 -9.28 -1.85 15.39
N LEU C 129 -8.11 -2.51 15.33
CA LEU C 129 -7.15 -2.48 16.43
C LEU C 129 -6.75 -1.05 16.74
N ALA C 130 -6.64 -0.22 15.70
CA ALA C 130 -6.32 1.18 15.95
C ALA C 130 -7.34 1.86 16.85
N SER C 131 -8.63 1.47 16.77
CA SER C 131 -9.62 2.06 17.67
C SER C 131 -9.31 1.86 19.16
N LEU C 132 -8.57 0.80 19.53
CA LEU C 132 -8.31 0.49 20.94
C LEU C 132 -6.91 0.89 21.40
N MET C 133 -6.15 1.61 20.55
CA MET C 133 -4.78 1.94 20.86
C MET C 133 -4.68 3.45 21.01
N ASN C 134 -3.64 3.80 21.73
CA ASN C 134 -3.15 5.14 21.88
C ASN C 134 -1.62 5.09 21.80
N LYS C 135 -0.95 6.19 22.07
CA LYS C 135 0.50 6.17 22.02
C LYS C 135 1.12 5.23 23.03
N ASP C 136 0.54 5.13 24.21
CA ASP C 136 1.08 4.30 25.26
C ASP C 136 0.66 2.83 25.34
N GLY C 137 -0.44 2.42 24.73
CA GLY C 137 -0.82 1.04 24.84
C GLY C 137 -2.13 0.76 24.15
N VAL C 138 -2.62 -0.45 24.40
CA VAL C 138 -3.75 -1.04 23.70
C VAL C 138 -4.68 -1.66 24.73
N LEU C 139 -5.98 -1.46 24.55
CA LEU C 139 -6.93 -2.17 25.41
C LEU C 139 -6.98 -3.65 25.05
N ILE C 140 -7.08 -4.48 26.07
CA ILE C 140 -7.17 -5.92 25.89
C ILE C 140 -8.36 -6.43 26.69
N SER C 141 -8.81 -7.63 26.31
CA SER C 141 -9.86 -8.36 27.01
C SER C 141 -11.08 -7.48 27.22
N GLU C 142 -11.56 -6.90 26.11
CA GLU C 142 -12.85 -6.21 26.02
C GLU C 142 -12.88 -4.99 26.95
N GLY C 143 -11.72 -4.34 27.10
CA GLY C 143 -11.58 -3.16 27.92
C GLY C 143 -11.23 -3.42 29.36
N GLN C 144 -11.09 -4.69 29.77
CA GLN C 144 -10.81 -4.98 31.17
C GLN C 144 -9.36 -4.72 31.50
N GLY C 145 -8.48 -4.76 30.50
CA GLY C 145 -7.09 -4.46 30.70
C GLY C 145 -6.59 -3.49 29.65
N PHE C 146 -5.41 -2.98 29.92
CA PHE C 146 -4.73 -1.99 29.07
C PHE C 146 -3.27 -2.39 29.16
N MET C 147 -2.74 -2.87 28.05
CA MET C 147 -1.39 -3.39 28.01
C MET C 147 -0.51 -2.34 27.33
N THR C 148 0.60 -2.00 27.97
CA THR C 148 1.40 -0.89 27.46
C THR C 148 2.27 -1.32 26.29
N ARG C 149 2.48 -0.37 25.38
CA ARG C 149 3.41 -0.53 24.27
C ARG C 149 4.79 -0.98 24.76
N GLU C 150 5.34 -0.29 25.76
CA GLU C 150 6.65 -0.67 26.29
C GLU C 150 6.69 -2.13 26.74
N PHE C 151 5.64 -2.57 27.44
CA PHE C 151 5.61 -3.96 27.92
C PHE C 151 5.57 -4.94 26.75
N LEU C 152 4.71 -4.69 25.77
CA LEU C 152 4.65 -5.58 24.63
C LEU C 152 6.00 -5.60 23.92
N LYS C 153 6.65 -4.45 23.85
CA LYS C 153 7.95 -4.33 23.21
C LYS C 153 9.05 -5.05 23.99
N SER C 154 8.82 -5.35 25.27
CA SER C 154 9.87 -5.96 26.10
C SER C 154 9.85 -7.50 26.14
N LEU C 155 8.93 -8.15 25.43
CA LEU C 155 8.99 -9.61 25.37
C LEU C 155 10.23 -10.06 24.62
N ARG C 156 10.79 -11.17 25.10
CA ARG C 156 11.99 -11.75 24.52
C ARG C 156 11.86 -11.87 23.00
N LYS C 157 12.99 -11.65 22.34
CA LYS C 157 13.07 -11.68 20.89
C LYS C 157 12.66 -13.04 20.35
N PRO C 158 11.96 -13.08 19.21
CA PRO C 158 11.44 -12.02 18.32
C PRO C 158 10.04 -11.49 18.70
N PHE C 159 9.48 -12.02 19.80
CA PHE C 159 8.13 -11.68 20.24
C PHE C 159 7.91 -10.20 20.50
N GLY C 160 8.93 -9.49 20.98
CA GLY C 160 8.82 -8.06 21.27
C GLY C 160 8.63 -7.15 20.06
N ASP C 161 8.75 -7.67 18.85
CA ASP C 161 8.71 -6.85 17.64
C ASP C 161 7.34 -6.81 16.94
N PHE C 162 6.37 -7.58 17.43
CA PHE C 162 5.12 -7.74 16.68
C PHE C 162 4.21 -6.52 16.75
N MET C 163 4.02 -5.93 17.94
CA MET C 163 3.02 -4.88 18.07
C MET C 163 3.50 -3.50 17.67
N GLU C 164 4.78 -3.22 17.79
CA GLU C 164 5.30 -1.87 17.54
C GLU C 164 4.88 -1.30 16.18
N PRO C 165 4.95 -2.02 15.06
CA PRO C 165 4.43 -1.46 13.79
C PRO C 165 2.93 -1.19 13.83
N LYS C 166 2.18 -1.93 14.64
CA LYS C 166 0.75 -1.66 14.77
C LYS C 166 0.51 -0.39 15.56
N PHE C 167 1.30 -0.14 16.62
CA PHE C 167 1.18 1.13 17.32
C PHE C 167 1.55 2.31 16.42
N GLU C 168 2.64 2.19 15.66
CA GLU C 168 3.00 3.26 14.73
C GLU C 168 1.86 3.57 13.77
N PHE C 169 1.29 2.52 13.16
CA PHE C 169 0.22 2.74 12.22
C PHE C 169 -0.98 3.36 12.93
N ALA C 170 -1.31 2.85 14.13
CA ALA C 170 -2.49 3.34 14.81
C ALA C 170 -2.37 4.81 15.15
N VAL C 171 -1.19 5.28 15.57
CA VAL C 171 -1.10 6.70 15.90
C VAL C 171 -1.31 7.53 14.64
N LYS C 172 -0.82 7.03 13.49
CA LYS C 172 -1.06 7.81 12.27
C LYS C 172 -2.53 7.70 11.82
N PHE C 173 -3.12 6.52 11.95
CA PHE C 173 -4.50 6.34 11.51
C PHE C 173 -5.47 7.10 12.42
N ASN C 174 -5.23 7.05 13.73
CA ASN C 174 -6.05 7.73 14.72
C ASN C 174 -5.94 9.23 14.59
N ALA C 175 -4.84 9.74 14.05
CA ALA C 175 -4.81 11.17 13.78
C ALA C 175 -5.94 11.63 12.86
N LEU C 176 -6.53 10.73 12.06
CA LEU C 176 -7.68 11.06 11.23
C LEU C 176 -9.00 11.23 12.00
N GLU C 177 -9.05 10.92 13.30
CA GLU C 177 -10.26 11.12 14.11
C GLU C 177 -11.53 10.50 13.48
N LEU C 178 -11.42 9.30 12.91
CA LEU C 178 -12.62 8.63 12.44
C LEU C 178 -13.52 8.13 13.57
N ASP C 179 -14.82 8.02 13.28
CA ASP C 179 -15.78 7.40 14.17
C ASP C 179 -16.29 6.09 13.59
N ASP C 180 -17.09 5.40 14.39
CA ASP C 180 -17.64 4.11 13.98
C ASP C 180 -18.40 4.21 12.66
N SER C 181 -19.11 5.31 12.41
CA SER C 181 -19.88 5.43 11.18
C SER C 181 -18.96 5.54 9.96
N ASP C 182 -17.84 6.24 10.10
CA ASP C 182 -16.87 6.25 9.01
C ASP C 182 -16.27 4.86 8.84
N LEU C 183 -15.88 4.24 9.96
CA LEU C 183 -15.15 2.98 9.93
C LEU C 183 -15.96 1.86 9.29
N ALA C 184 -17.29 1.83 9.48
CA ALA C 184 -18.09 0.77 8.87
C ALA C 184 -17.96 0.78 7.35
N ILE C 185 -18.03 1.96 6.75
CA ILE C 185 -17.92 2.05 5.31
C ILE C 185 -16.49 1.76 4.89
N PHE C 186 -15.52 2.23 5.69
CA PHE C 186 -14.14 2.03 5.28
C PHE C 186 -13.76 0.55 5.26
N ILE C 187 -14.18 -0.22 6.27
CA ILE C 187 -13.83 -1.64 6.23
C ILE C 187 -14.60 -2.34 5.12
N ALA C 188 -15.78 -1.81 4.76
CA ALA C 188 -16.49 -2.41 3.62
C ALA C 188 -15.70 -2.17 2.34
N VAL C 189 -15.25 -0.92 2.13
CA VAL C 189 -14.38 -0.61 1.01
C VAL C 189 -13.21 -1.59 0.96
N ILE C 190 -12.59 -1.82 2.12
CA ILE C 190 -11.42 -2.69 2.17
C ILE C 190 -11.78 -4.09 1.66
N ILE C 191 -12.92 -4.63 2.13
CA ILE C 191 -13.28 -6.01 1.79
C ILE C 191 -13.46 -6.16 0.28
N LEU C 192 -14.16 -5.20 -0.34
CA LEU C 192 -14.49 -5.28 -1.75
C LEU C 192 -13.35 -4.79 -2.64
N SER C 193 -12.15 -5.32 -2.45
CA SER C 193 -10.99 -4.88 -3.22
C SER C 193 -10.82 -5.74 -4.46
N GLY C 194 -10.90 -5.11 -5.63
CA GLY C 194 -10.88 -5.80 -6.90
C GLY C 194 -9.51 -6.34 -7.28
N ASP C 195 -8.47 -5.92 -6.57
CA ASP C 195 -7.10 -6.30 -6.86
C ASP C 195 -6.58 -7.44 -5.97
N ARG C 196 -7.47 -8.18 -5.31
CA ARG C 196 -7.06 -9.37 -4.55
C ARG C 196 -6.54 -10.47 -5.49
N PRO C 197 -5.37 -11.03 -5.23
CA PRO C 197 -4.88 -12.13 -6.10
C PRO C 197 -5.83 -13.32 -6.14
N GLY C 198 -6.20 -13.73 -7.35
CA GLY C 198 -6.96 -14.95 -7.54
C GLY C 198 -8.45 -14.77 -7.75
N LEU C 199 -8.93 -13.54 -7.87
CA LEU C 199 -10.34 -13.28 -8.08
C LEU C 199 -10.82 -13.72 -9.46
N LEU C 200 -11.98 -14.37 -9.49
CA LEU C 200 -12.55 -14.89 -10.72
C LEU C 200 -13.30 -13.79 -11.46
N ASN C 201 -14.24 -13.13 -10.78
CA ASN C 201 -15.01 -12.04 -11.37
C ASN C 201 -14.64 -10.71 -10.71
N VAL C 202 -13.80 -9.92 -11.37
CA VAL C 202 -13.33 -8.68 -10.77
C VAL C 202 -14.46 -7.66 -10.83
N LYS C 203 -15.31 -7.76 -11.85
CA LYS C 203 -16.19 -6.65 -12.21
C LYS C 203 -17.27 -6.44 -11.15
N PRO C 204 -18.06 -7.46 -10.75
CA PRO C 204 -19.10 -7.19 -9.72
C PRO C 204 -18.50 -6.66 -8.42
N ILE C 205 -17.34 -7.18 -8.03
CA ILE C 205 -16.62 -6.66 -6.87
C ILE C 205 -16.40 -5.16 -7.02
N GLU C 206 -15.75 -4.76 -8.11
CA GLU C 206 -15.47 -3.35 -8.33
C GLU C 206 -16.74 -2.51 -8.46
N ASP C 207 -17.83 -3.09 -8.98
CA ASP C 207 -19.11 -2.38 -9.02
C ASP C 207 -19.61 -2.07 -7.62
N ILE C 208 -19.57 -3.06 -6.73
CA ILE C 208 -20.02 -2.83 -5.36
C ILE C 208 -19.12 -1.81 -4.67
N GLN C 209 -17.80 -1.91 -4.93
CA GLN C 209 -16.86 -1.04 -4.24
C GLN C 209 -17.03 0.41 -4.68
N ASP C 210 -17.36 0.66 -5.95
CA ASP C 210 -17.54 2.06 -6.35
C ASP C 210 -18.73 2.70 -5.64
N ASN C 211 -19.77 1.92 -5.33
CA ASN C 211 -20.89 2.47 -4.56
C ASN C 211 -20.48 2.67 -3.11
N LEU C 212 -19.71 1.72 -2.56
CA LEU C 212 -19.18 1.90 -1.20
C LEU C 212 -18.29 3.14 -1.11
N LEU C 213 -17.47 3.37 -2.13
CA LEU C 213 -16.59 4.54 -2.13
C LEU C 213 -17.39 5.84 -2.19
N GLN C 214 -18.43 5.88 -3.04
CA GLN C 214 -19.28 7.07 -3.07
C GLN C 214 -19.97 7.33 -1.73
N ALA C 215 -20.46 6.26 -1.08
CA ALA C 215 -21.05 6.41 0.25
C ALA C 215 -20.03 6.87 1.28
N LEU C 216 -18.79 6.39 1.20
CA LEU C 216 -17.74 6.83 2.11
C LEU C 216 -17.38 8.29 1.89
N GLU C 217 -17.37 8.73 0.63
CA GLU C 217 -17.00 10.11 0.36
C GLU C 217 -18.07 11.07 0.87
N LEU C 218 -19.35 10.74 0.64
CA LEU C 218 -20.42 11.53 1.21
C LEU C 218 -20.39 11.50 2.73
N GLN C 219 -20.11 10.31 3.31
CA GLN C 219 -20.05 10.19 4.76
C GLN C 219 -18.97 11.09 5.37
N LEU C 220 -17.73 10.99 4.86
CA LEU C 220 -16.67 11.82 5.42
C LEU C 220 -16.90 13.31 5.17
N LYS C 221 -17.61 13.67 4.10
CA LYS C 221 -17.81 15.09 3.83
C LYS C 221 -18.87 15.66 4.77
N LEU C 222 -19.94 14.90 5.04
CA LEU C 222 -20.93 15.39 5.98
C LEU C 222 -20.43 15.32 7.42
N ASN C 223 -19.78 14.22 7.79
CA ASN C 223 -19.41 14.00 9.18
C ASN C 223 -18.17 14.80 9.59
N HIS C 224 -17.28 15.12 8.65
CA HIS C 224 -16.07 15.89 8.94
C HIS C 224 -15.86 16.99 7.92
N PRO C 225 -16.80 17.94 7.82
CA PRO C 225 -16.44 19.19 7.15
C PRO C 225 -15.30 19.84 7.91
N GLU C 226 -14.51 20.63 7.20
CA GLU C 226 -13.34 21.33 7.72
C GLU C 226 -12.18 20.36 7.90
N SER C 227 -12.30 19.10 7.49
CA SER C 227 -11.16 18.18 7.39
C SER C 227 -10.87 17.90 5.92
N SER C 228 -10.19 18.86 5.28
CA SER C 228 -9.93 18.81 3.84
C SER C 228 -9.26 17.49 3.44
N GLN C 229 -9.79 16.87 2.38
CA GLN C 229 -9.17 15.69 1.79
C GLN C 229 -9.07 14.53 2.76
N LEU C 230 -10.00 14.43 3.71
CA LEU C 230 -9.97 13.30 4.63
C LEU C 230 -10.13 11.99 3.89
N PHE C 231 -10.99 11.97 2.86
CA PHE C 231 -11.19 10.78 2.02
C PHE C 231 -9.88 10.28 1.42
N ALA C 232 -9.07 11.19 0.85
CA ALA C 232 -7.80 10.79 0.23
C ALA C 232 -6.79 10.27 1.26
N LYS C 233 -6.75 10.88 2.46
CA LYS C 233 -5.84 10.39 3.48
C LYS C 233 -6.26 9.00 3.94
N LEU C 234 -7.56 8.74 3.94
CA LEU C 234 -8.00 7.46 4.44
C LEU C 234 -7.71 6.38 3.40
N LEU C 235 -7.94 6.70 2.12
CA LEU C 235 -7.60 5.75 1.08
C LEU C 235 -6.11 5.45 1.06
N GLN C 236 -5.26 6.44 1.39
CA GLN C 236 -3.82 6.20 1.49
C GLN C 236 -3.46 5.27 2.63
N LYS C 237 -4.29 5.20 3.69
CA LYS C 237 -3.92 4.29 4.78
C LYS C 237 -4.02 2.81 4.39
N MET C 238 -4.79 2.49 3.37
CA MET C 238 -4.87 1.13 2.87
C MET C 238 -3.47 0.57 2.53
N THR C 239 -2.58 1.44 2.06
CA THR C 239 -1.24 0.95 1.76
C THR C 239 -0.42 0.69 3.02
N ASP C 240 -0.63 1.50 4.07
CA ASP C 240 -0.02 1.15 5.34
C ASP C 240 -0.48 -0.23 5.79
N LEU C 241 -1.81 -0.46 5.73
CA LEU C 241 -2.38 -1.76 6.10
C LEU C 241 -1.70 -2.90 5.38
N ARG C 242 -1.37 -2.71 4.09
CA ARG C 242 -0.78 -3.83 3.34
C ARG C 242 0.64 -4.09 3.81
N GLN C 243 1.38 -3.02 4.10
CA GLN C 243 2.74 -3.25 4.55
C GLN C 243 2.73 -3.96 5.90
N ILE C 244 1.81 -3.59 6.78
CA ILE C 244 1.68 -4.24 8.07
C ILE C 244 1.38 -5.72 7.94
N VAL C 245 0.40 -6.09 7.09
CA VAL C 245 0.13 -7.51 6.86
C VAL C 245 1.38 -8.23 6.35
N THR C 246 2.04 -7.66 5.35
CA THR C 246 3.23 -8.31 4.78
C THR C 246 4.29 -8.58 5.84
N GLU C 247 4.62 -7.55 6.63
CA GLU C 247 5.61 -7.68 7.69
C GLU C 247 5.17 -8.66 8.78
N HIS C 248 3.90 -8.62 9.16
CA HIS C 248 3.41 -9.57 10.14
C HIS C 248 3.58 -11.01 9.66
N VAL C 249 3.22 -11.27 8.39
CA VAL C 249 3.43 -12.61 7.85
C VAL C 249 4.91 -13.01 7.91
N GLN C 250 5.82 -12.08 7.57
CA GLN C 250 7.24 -12.41 7.62
C GLN C 250 7.70 -12.71 9.04
N LEU C 251 7.16 -11.98 10.03
CA LEU C 251 7.56 -12.23 11.41
C LEU C 251 6.98 -13.54 11.92
N LEU C 252 5.72 -13.83 11.60
CA LEU C 252 5.20 -15.15 11.91
C LEU C 252 6.07 -16.26 11.32
N GLN C 253 6.61 -16.05 10.11
CA GLN C 253 7.42 -17.12 9.54
C GLN C 253 8.79 -17.26 10.21
N VAL C 254 9.35 -16.14 10.72
CA VAL C 254 10.52 -16.23 11.60
C VAL C 254 10.16 -17.05 12.82
N ILE C 255 9.01 -16.80 13.35
CA ILE C 255 8.58 -17.38 14.61
C ILE C 255 8.36 -18.87 14.43
N LYS C 256 7.71 -19.26 13.34
CA LYS C 256 7.44 -20.66 13.00
C LYS C 256 8.73 -21.41 12.70
N LYS C 257 9.76 -20.69 12.26
CA LYS C 257 11.01 -21.35 11.96
C LYS C 257 11.87 -21.53 13.19
N THR C 258 11.79 -20.63 14.17
CA THR C 258 12.67 -20.66 15.34
C THR C 258 12.00 -21.20 16.61
N GLU C 259 10.72 -20.98 16.83
CA GLU C 259 10.13 -21.49 18.05
C GLU C 259 9.51 -22.88 17.99
N THR C 260 9.21 -23.43 19.16
CA THR C 260 8.61 -24.76 19.27
C THR C 260 7.16 -24.63 19.58
N ASP C 261 6.38 -25.44 18.88
CA ASP C 261 4.94 -25.48 19.00
C ASP C 261 4.25 -24.16 18.68
N MET C 262 4.71 -23.52 17.61
CA MET C 262 4.10 -22.32 17.10
C MET C 262 3.09 -22.72 16.05
N SER C 263 2.05 -23.46 16.43
CA SER C 263 1.09 -23.90 15.47
C SER C 263 -0.13 -23.07 15.67
N LEU C 264 -0.56 -22.42 14.61
CA LEU C 264 -1.71 -21.58 14.68
C LEU C 264 -2.99 -22.32 14.62
N HIS C 265 -4.06 -21.61 14.96
CA HIS C 265 -5.43 -22.10 14.87
C HIS C 265 -5.76 -22.43 13.42
N PRO C 266 -6.51 -23.50 13.15
CA PRO C 266 -6.68 -23.96 11.75
C PRO C 266 -7.21 -22.89 10.82
N LEU C 267 -7.96 -21.91 11.35
CA LEU C 267 -8.52 -20.88 10.48
C LEU C 267 -7.45 -19.87 10.08
N LEU C 268 -6.52 -19.56 11.01
CA LEU C 268 -5.42 -18.66 10.65
C LEU C 268 -4.43 -19.37 9.74
N GLN C 269 -4.20 -20.65 9.97
CA GLN C 269 -3.39 -21.44 9.05
C GLN C 269 -4.00 -21.40 7.66
N GLU C 270 -5.31 -21.62 7.59
CA GLU C 270 -6.03 -21.57 6.32
C GLU C 270 -5.90 -20.22 5.64
N ILE C 271 -5.87 -19.14 6.42
CA ILE C 271 -5.82 -17.80 5.87
C ILE C 271 -4.42 -17.46 5.37
N TYR C 272 -3.40 -17.88 6.11
CA TYR C 272 -2.01 -17.61 5.74
C TYR C 272 -1.45 -18.58 4.71
N LYS C 273 -2.14 -19.70 4.47
CA LYS C 273 -1.65 -20.62 3.45
C LYS C 273 -1.63 -19.90 2.11
N ASP C 274 -0.43 -19.75 1.56
CA ASP C 274 -0.24 -19.20 0.22
C ASP C 274 -0.78 -17.77 0.16
N LEU C 275 -0.63 -17.02 1.26
CA LEU C 275 -0.90 -15.59 1.31
C LEU C 275 0.34 -14.82 0.86
N TYR C 276 0.28 -14.22 -0.31
CA TYR C 276 1.43 -13.52 -0.91
C TYR C 276 2.64 -14.43 -1.09
N ASP D 6 -11.46 -23.10 -7.18
CA ASP D 6 -11.13 -24.05 -6.11
C ASP D 6 -10.69 -23.30 -4.83
N ALA D 7 -10.80 -21.97 -4.81
CA ALA D 7 -10.43 -21.22 -3.60
C ALA D 7 -11.26 -21.66 -2.40
N ALA D 8 -12.55 -21.88 -2.60
CA ALA D 8 -13.43 -22.24 -1.48
C ALA D 8 -13.04 -23.60 -0.90
N SER D 9 -12.68 -24.56 -1.76
CA SER D 9 -12.25 -25.86 -1.28
C SER D 9 -10.92 -25.79 -0.52
N LYS D 10 -10.06 -24.81 -0.81
CA LYS D 10 -8.82 -24.64 -0.07
C LYS D 10 -9.01 -23.88 1.24
N HIS D 11 -10.23 -23.42 1.54
CA HIS D 11 -10.53 -22.67 2.76
C HIS D 11 -11.84 -23.16 3.38
N LYS D 12 -11.82 -24.39 3.90
CA LYS D 12 -13.05 -24.99 4.40
C LYS D 12 -13.64 -24.22 5.58
N GLN D 13 -12.80 -23.64 6.44
CA GLN D 13 -13.33 -22.99 7.63
C GLN D 13 -13.99 -21.66 7.30
N LEU D 14 -13.32 -20.84 6.47
CA LEU D 14 -13.96 -19.62 5.96
C LEU D 14 -15.23 -19.96 5.18
N SER D 15 -15.19 -21.01 4.36
CA SER D 15 -16.39 -21.42 3.62
C SER D 15 -17.52 -21.75 4.58
N GLU D 16 -17.24 -22.50 5.64
CA GLU D 16 -18.28 -22.87 6.59
C GLU D 16 -18.81 -21.64 7.33
N LEU D 17 -17.91 -20.70 7.65
CA LEU D 17 -18.37 -19.43 8.18
C LEU D 17 -19.32 -18.74 7.22
N LEU D 18 -19.09 -18.90 5.91
CA LEU D 18 -19.93 -18.22 4.92
C LEU D 18 -21.24 -18.95 4.69
N ARG D 19 -21.23 -20.28 4.73
CA ARG D 19 -22.41 -21.07 4.35
C ARG D 19 -22.68 -22.27 5.25
O3 EDK E . 16.01 -0.03 -9.50
C4 EDK E . 13.20 0.04 -15.28
C5 EDK E . 13.57 0.21 -13.98
C6 EDK E . 13.25 -0.74 -13.05
N1 EDK E . 15.13 -2.57 -11.71
C7 EDK E . 13.60 -0.69 -11.59
C8 EDK E . 15.03 -1.18 -11.36
N2 EDK E . 14.87 -1.28 -20.62
C9 EDK E . 16.42 -3.14 -12.04
C10 EDK E . 16.50 -4.22 -12.88
C11 EDK E . 17.72 -4.77 -13.18
C12 EDK E . 18.86 -4.22 -12.66
C13 EDK E . 18.78 -3.14 -11.83
C14 EDK E . 17.57 -2.60 -11.53
C15 EDK E . 15.26 -4.85 -13.47
C22 EDK E . 15.39 -1.03 -9.89
O2 EDK E . 15.08 -1.90 -9.07
C16 EDK E . 15.38 -6.23 -14.05
C21 EDK E . 14.68 -6.54 -15.19
C20 EDK E . 14.78 -7.80 -15.71
C19 EDK E . 15.58 -8.74 -15.10
C18 EDK E . 16.27 -8.41 -13.96
C17 EDK E . 16.17 -7.16 -13.43
O1 EDK E . 14.24 -4.32 -13.48
C23 EDK E . 12.54 -1.85 -13.40
C24 EDK E . 12.17 -2.01 -14.71
C3 EDK E . 12.50 -1.06 -15.65
O EDK E . 12.10 -1.27 -16.96
C2 EDK E . 12.89 -0.65 -17.92
C1 EDK E . 12.40 -0.99 -19.31
N EDK E . 12.94 -2.28 -19.64
C EDK E . 12.27 -3.50 -19.34
C25 EDK E . 14.21 -2.37 -20.26
C29 EDK E . 14.75 -3.61 -20.46
C28 EDK E . 15.94 -3.72 -21.04
C27 EDK E . 16.60 -2.62 -21.39
C26 EDK E . 16.07 -1.39 -21.18
O3 EDK F . -1.86 -12.79 12.89
C4 EDK F . -5.27 -9.55 17.38
C5 EDK F . -4.97 -10.08 16.17
C6 EDK F . -3.75 -9.86 15.64
N1 EDK F . -2.06 -12.00 15.42
C7 EDK F . -3.35 -10.44 14.30
C8 EDK F . -3.21 -11.91 14.60
N2 EDK F . -2.85 -9.14 23.98
C9 EDK F . -1.63 -13.27 15.92
C10 EDK F . -0.59 -13.25 16.77
C11 EDK F . -0.09 -14.42 17.30
C12 EDK F . -0.69 -15.61 16.95
C13 EDK F . -1.76 -15.60 16.10
C14 EDK F . -2.23 -14.43 15.59
C15 EDK F . 0.00 -11.90 17.08
C22 EDK F . -2.98 -12.71 13.36
O2 EDK F . -3.93 -13.29 12.82
C16 EDK F . 1.09 -11.73 18.11
C21 EDK F . 2.17 -12.57 18.09
C20 EDK F . 3.16 -12.42 19.04
C19 EDK F . 3.06 -11.44 19.99
C18 EDK F . 1.98 -10.59 20.00
C17 EDK F . 0.99 -10.75 19.06
O1 EDK F . -0.39 -10.97 16.49
C23 EDK F . -2.80 -9.13 16.30
C24 EDK F . -3.09 -8.59 17.54
C3 EDK F . -4.33 -8.81 18.06
O EDK F . -4.72 -8.31 19.29
C2 EDK F . -3.84 -7.43 19.88
C1 EDK F . -4.41 -7.18 21.26
N EDK F . -3.44 -7.58 22.25
C EDK F . -2.16 -6.94 22.31
C25 EDK F . -3.76 -8.65 23.13
C29 EDK F . -5.02 -9.19 23.09
C28 EDK F . -5.36 -10.20 23.90
C27 EDK F . -4.44 -10.68 24.75
C26 EDK F . -3.18 -10.14 24.79
#